data_3H5K
#
_entry.id   3H5K
#
_cell.length_a   161.011
_cell.length_b   34.735
_cell.length_c   120.630
_cell.angle_alpha   90.00
_cell.angle_beta   127.99
_cell.angle_gamma   90.00
#
_symmetry.space_group_name_H-M   'C 1 2 1'
#
loop_
_entity.id
_entity.type
_entity.pdbx_description
1 polymer 'Ribosome-inactivating protein PD-L1/PD-L2'
2 non-polymer 2-acetamido-2-deoxy-beta-D-glucopyranose
3 non-polymer 1,2-ETHANEDIOL
4 water water
#
_entity_poly.entity_id   1
_entity_poly.type   'polypeptide(L)'
_entity_poly.pdbx_seq_one_letter_code
;INTITYDAGNTTINKYATFMESLRNEAKDPSLQCYGIPMLPNNSSTIKYLLVKLQGASQKTITLMLRRNNLYVMGYSDPF
NGNCRYHIFNDITGTERTNVENTLCSSSSSRDAKPINYNSLYSTLEKKAEVNSRSQVQLGIQILSSDIGKISGQSSFTDK
TEAKFLLVAIQMVSEAARFKYIENQVKTNFNRDFSPNDKILDLEENWGKISTAIHDATNGALPKPLELKNADGTKWIVLR
VDEIKPDMGLLNYVNGTCQTT
;
_entity_poly.pdbx_strand_id   A,B
#
# COMPACT_ATOMS: atom_id res chain seq x y z
N ILE A 1 15.65 17.16 -20.38
CA ILE A 1 15.63 16.34 -19.13
C ILE A 1 14.50 16.80 -18.19
N ASN A 2 13.85 15.83 -17.56
CA ASN A 2 12.76 16.10 -16.61
C ASN A 2 13.19 15.86 -15.17
N THR A 3 12.53 16.55 -14.25
CA THR A 3 12.79 16.41 -12.82
C THR A 3 11.54 15.88 -12.13
N ILE A 4 11.71 14.78 -11.39
CA ILE A 4 10.65 14.23 -10.58
C ILE A 4 10.97 14.70 -9.18
N THR A 5 9.97 15.21 -8.48
CA THR A 5 10.19 15.74 -7.15
C THR A 5 9.53 14.88 -6.07
N TYR A 6 10.17 14.82 -4.91
CA TYR A 6 9.60 14.13 -3.77
C TYR A 6 10.07 14.73 -2.46
N ASP A 7 9.13 15.14 -1.62
CA ASP A 7 9.42 15.66 -0.29
C ASP A 7 9.29 14.51 0.69
N ALA A 8 10.44 13.97 1.13
CA ALA A 8 10.45 12.91 2.13
C ALA A 8 10.21 13.40 3.56
N GLY A 9 10.28 14.72 3.77
CA GLY A 9 10.10 15.27 5.11
C GLY A 9 8.65 15.49 5.51
N ASN A 10 7.76 15.52 4.53
CA ASN A 10 6.35 15.73 4.79
C ASN A 10 5.59 15.00 3.73
N THR A 11 5.17 13.78 4.06
CA THR A 11 4.71 12.88 3.02
C THR A 11 3.72 11.83 3.54
N THR A 12 3.25 10.98 2.63
CA THR A 12 2.31 9.91 2.99
C THR A 12 2.54 8.74 2.05
N ILE A 13 2.00 7.57 2.40
CA ILE A 13 2.14 6.38 1.57
C ILE A 13 1.68 6.71 0.17
N ASN A 14 0.51 7.34 0.09
CA ASN A 14 -0.09 7.51 -1.21
C ASN A 14 0.76 8.47 -2.06
N LYS A 15 1.42 9.44 -1.43
CA LYS A 15 2.35 10.31 -2.15
C LYS A 15 3.62 9.57 -2.64
N TYR A 16 4.11 8.63 -1.85
CA TYR A 16 5.25 7.85 -2.29
C TYR A 16 4.87 6.94 -3.47
N ALA A 17 3.67 6.36 -3.42
CA ALA A 17 3.16 5.56 -4.56
C ALA A 17 3.15 6.38 -5.86
N THR A 18 2.65 7.61 -5.76
CA THR A 18 2.60 8.50 -6.93
C THR A 18 4.00 8.80 -7.43
N PHE A 19 4.93 9.05 -6.51
CA PHE A 19 6.33 9.28 -6.84
C PHE A 19 6.92 8.09 -7.61
N MET A 20 6.69 6.89 -7.12
CA MET A 20 7.15 5.69 -7.80
C MET A 20 6.59 5.57 -9.21
N GLU A 21 5.28 5.79 -9.36
CA GLU A 21 4.66 5.74 -10.68
C GLU A 21 5.29 6.77 -11.61
N SER A 22 5.50 8.00 -11.10
CA SER A 22 6.11 9.07 -11.90
C SER A 22 7.51 8.70 -12.34
N LEU A 23 8.30 8.19 -11.40
CA LEU A 23 9.67 7.80 -11.71
C LEU A 23 9.72 6.68 -12.77
N ARG A 24 8.87 5.66 -12.61
CA ARG A 24 8.80 4.59 -13.59
C ARG A 24 8.44 5.11 -14.97
N ASN A 25 7.45 6.00 -15.02
CA ASN A 25 7.00 6.55 -16.30
C ASN A 25 8.04 7.40 -17.02
N GLU A 26 8.85 8.13 -16.26
CA GLU A 26 9.92 8.92 -16.83
C GLU A 26 11.10 8.06 -17.23
N ALA A 27 11.36 7.01 -16.47
CA ALA A 27 12.50 6.15 -16.73
C ALA A 27 12.29 5.23 -17.95
N LYS A 28 11.14 4.61 -18.04
CA LYS A 28 10.88 3.58 -19.05
C LYS A 28 10.97 4.09 -20.48
N ASP A 29 11.35 3.20 -21.39
CA ASP A 29 11.16 3.46 -22.80
C ASP A 29 9.66 3.38 -23.05
N PRO A 30 9.09 4.38 -23.74
CA PRO A 30 7.63 4.37 -23.92
C PRO A 30 7.12 3.18 -24.73
N SER A 31 8.01 2.52 -25.46
CA SER A 31 7.62 1.48 -26.40
C SER A 31 8.05 0.06 -26.02
N LEU A 32 8.90 -0.07 -25.01
CA LEU A 32 9.47 -1.38 -24.66
C LEU A 32 8.84 -1.96 -23.42
N GLN A 33 8.45 -3.22 -23.51
CA GLN A 33 7.97 -3.99 -22.38
C GLN A 33 8.13 -5.46 -22.69
N CYS A 34 8.24 -6.27 -21.65
CA CYS A 34 8.19 -7.71 -21.81
C CYS A 34 7.22 -8.24 -20.77
N TYR A 35 6.26 -9.04 -21.21
CA TYR A 35 5.25 -9.59 -20.30
C TYR A 35 4.54 -8.50 -19.52
N GLY A 36 4.28 -7.37 -20.18
CA GLY A 36 3.58 -6.27 -19.57
C GLY A 36 4.36 -5.49 -18.53
N ILE A 37 5.66 -5.77 -18.39
CA ILE A 37 6.54 -5.04 -17.47
C ILE A 37 7.36 -4.05 -18.29
N PRO A 38 7.28 -2.74 -17.98
CA PRO A 38 8.06 -1.78 -18.79
C PRO A 38 9.54 -2.00 -18.67
N MET A 39 10.25 -1.67 -19.73
CA MET A 39 11.68 -1.87 -19.81
C MET A 39 12.36 -0.52 -20.02
N LEU A 40 13.55 -0.38 -19.45
CA LEU A 40 14.34 0.84 -19.61
C LEU A 40 14.87 0.93 -21.05
N PRO A 41 15.21 2.15 -21.51
CA PRO A 41 15.69 2.30 -22.89
C PRO A 41 17.12 1.82 -23.06
N ASN A 42 17.57 1.69 -24.30
CA ASN A 42 18.97 1.47 -24.57
C ASN A 42 19.79 2.73 -24.19
N ASN A 43 21.11 2.66 -24.30
CA ASN A 43 21.94 3.76 -23.87
C ASN A 43 22.12 4.87 -24.91
N SER A 44 21.37 4.81 -26.01
CA SER A 44 21.48 5.81 -27.06
C SER A 44 20.20 6.61 -27.30
N SER A 45 19.29 6.63 -26.32
CA SER A 45 18.07 7.44 -26.43
C SER A 45 18.39 8.94 -26.40
N THR A 46 17.48 9.76 -26.92
CA THR A 46 17.70 11.21 -27.00
C THR A 46 17.76 11.88 -25.62
N ILE A 47 16.94 11.38 -24.70
CA ILE A 47 17.02 11.82 -23.29
C ILE A 47 17.67 10.69 -22.47
N LYS A 48 18.92 10.90 -22.09
CA LYS A 48 19.75 9.87 -21.44
C LYS A 48 19.55 9.78 -19.92
N TYR A 49 19.12 10.86 -19.31
CA TYR A 49 19.16 10.96 -17.86
C TYR A 49 17.85 11.47 -17.28
N LEU A 50 17.77 11.44 -15.96
CA LEU A 50 16.64 12.01 -15.25
C LEU A 50 17.13 12.55 -13.92
N LEU A 51 16.42 13.55 -13.40
CA LEU A 51 16.76 14.13 -12.11
C LEU A 51 15.68 13.78 -11.12
N VAL A 52 16.08 13.48 -9.89
CA VAL A 52 15.12 13.25 -8.82
C VAL A 52 15.47 14.22 -7.71
N LYS A 53 14.60 15.20 -7.49
CA LYS A 53 14.83 16.22 -6.48
C LYS A 53 14.12 15.84 -5.20
N LEU A 54 14.92 15.48 -4.18
CA LEU A 54 14.43 15.05 -2.87
C LEU A 54 14.54 16.16 -1.85
N GLN A 55 13.50 16.32 -1.05
CA GLN A 55 13.52 17.27 0.06
C GLN A 55 13.41 16.49 1.38
N GLY A 56 14.10 16.99 2.40
CA GLY A 56 14.14 16.29 3.70
C GLY A 56 14.17 17.26 4.84
N ALA A 57 15.00 16.97 5.84
CA ALA A 57 14.97 17.72 7.09
C ALA A 57 15.21 19.20 6.88
N SER A 58 14.44 20.01 7.60
CA SER A 58 14.52 21.47 7.51
C SER A 58 14.37 22.01 6.10
N GLN A 59 13.65 21.25 5.26
CA GLN A 59 13.34 21.63 3.87
C GLN A 59 14.55 21.65 2.98
N LYS A 60 15.64 21.02 3.41
CA LYS A 60 16.85 20.96 2.60
C LYS A 60 16.68 19.94 1.48
N THR A 61 17.35 20.18 0.37
CA THR A 61 17.15 19.34 -0.81
C THR A 61 18.44 18.71 -1.32
N ILE A 62 18.29 17.55 -1.96
CA ILE A 62 19.38 16.93 -2.71
C ILE A 62 18.78 16.50 -4.04
N THR A 63 19.52 16.71 -5.13
CA THR A 63 19.09 16.21 -6.42
C THR A 63 19.96 15.03 -6.85
N LEU A 64 19.30 13.91 -7.12
CA LEU A 64 19.97 12.74 -7.66
C LEU A 64 19.92 12.78 -9.18
N MET A 65 21.01 12.39 -9.81
CA MET A 65 20.97 12.18 -11.26
C MET A 65 21.05 10.69 -11.59
N LEU A 66 20.06 10.24 -12.34
CA LEU A 66 19.93 8.83 -12.70
C LEU A 66 20.07 8.63 -14.19
N ARG A 67 20.77 7.57 -14.56
CA ARG A 67 20.86 7.13 -15.94
C ARG A 67 19.60 6.35 -16.25
N ARG A 68 18.93 6.69 -17.35
CA ARG A 68 17.67 6.05 -17.70
C ARG A 68 17.88 4.59 -18.12
N ASN A 69 18.99 4.31 -18.80
CA ASN A 69 19.26 2.97 -19.33
C ASN A 69 19.28 1.90 -18.23
N ASN A 70 19.71 2.27 -17.03
CA ASN A 70 19.85 1.28 -15.95
C ASN A 70 19.46 1.75 -14.55
N LEU A 71 19.06 3.02 -14.44
CA LEU A 71 18.62 3.65 -13.19
C LEU A 71 19.70 3.79 -12.13
N TYR A 72 20.95 3.64 -12.53
CA TYR A 72 22.07 3.87 -11.61
C TYR A 72 22.15 5.36 -11.24
N VAL A 73 22.49 5.63 -9.98
CA VAL A 73 22.72 7.00 -9.53
C VAL A 73 24.14 7.36 -9.93
N MET A 74 24.29 8.45 -10.66
CA MET A 74 25.58 8.87 -11.20
C MET A 74 26.23 9.88 -10.27
N GLY A 75 25.42 10.59 -9.51
CA GLY A 75 25.91 11.56 -8.54
C GLY A 75 24.73 12.38 -8.07
N TYR A 76 25.02 13.36 -7.22
CA TYR A 76 23.96 14.19 -6.67
C TYR A 76 24.47 15.62 -6.48
N SER A 77 23.54 16.55 -6.34
CA SER A 77 23.89 17.92 -6.02
C SER A 77 23.14 18.41 -4.79
N ASP A 78 23.68 19.42 -4.12
CA ASP A 78 22.97 20.07 -3.03
C ASP A 78 23.25 21.56 -3.09
N PRO A 79 22.25 22.39 -2.73
CA PRO A 79 22.53 23.82 -2.57
C PRO A 79 23.50 24.05 -1.42
N PHE A 80 24.66 24.64 -1.72
CA PHE A 80 25.67 24.89 -0.70
C PHE A 80 26.32 26.24 -0.92
N ASN A 81 26.15 27.14 0.05
CA ASN A 81 26.75 28.48 -0.02
C ASN A 81 26.44 29.22 -1.31
N GLY A 82 25.23 29.03 -1.82
CA GLY A 82 24.76 29.71 -3.03
C GLY A 82 25.18 29.03 -4.31
N ASN A 83 25.89 27.92 -4.16
CA ASN A 83 26.44 27.16 -5.28
C ASN A 83 25.72 25.83 -5.47
N CYS A 84 25.54 25.44 -6.73
CA CYS A 84 25.21 24.05 -7.04
C CYS A 84 26.43 23.22 -6.70
N ARG A 85 26.37 22.49 -5.60
CA ARG A 85 27.50 21.66 -5.21
C ARG A 85 27.27 20.26 -5.78
N TYR A 86 28.12 19.85 -6.71
CA TYR A 86 27.94 18.57 -7.41
C TYR A 86 28.89 17.49 -6.92
N HIS A 87 28.36 16.30 -6.71
CA HIS A 87 29.11 15.20 -6.13
C HIS A 87 28.98 14.02 -7.08
N ILE A 88 30.08 13.65 -7.72
CA ILE A 88 30.05 12.58 -8.71
C ILE A 88 30.92 11.40 -8.27
N PHE A 89 30.47 10.18 -8.56
CA PHE A 89 31.24 8.98 -8.20
C PHE A 89 32.61 8.97 -8.89
N ASN A 90 33.64 8.47 -8.20
CA ASN A 90 35.03 8.64 -8.66
C ASN A 90 35.46 7.78 -9.86
N ASP A 91 34.52 7.02 -10.42
CA ASP A 91 34.79 6.21 -11.58
C ASP A 91 33.98 6.64 -12.81
N ILE A 92 33.07 7.60 -12.61
CA ILE A 92 32.32 8.19 -13.72
C ILE A 92 33.44 8.85 -14.54
N THR A 93 33.61 8.33 -15.77
CA THR A 93 34.78 8.64 -16.63
C THR A 93 35.03 10.08 -17.17
N GLY A 94 35.02 10.21 -18.49
CA GLY A 94 35.35 11.47 -19.14
C GLY A 94 34.23 12.45 -19.45
N THR A 95 33.69 12.37 -20.66
CA THR A 95 32.66 13.29 -21.13
C THR A 95 31.30 13.12 -20.44
N GLU A 96 31.03 11.90 -19.97
CA GLU A 96 29.82 11.63 -19.18
C GLU A 96 29.92 12.33 -17.82
N ARG A 97 31.12 12.36 -17.24
CA ARG A 97 31.36 13.12 -16.01
C ARG A 97 31.16 14.63 -16.21
N THR A 98 31.55 15.12 -17.38
CA THR A 98 31.25 16.50 -17.78
C THR A 98 29.73 16.67 -17.86
N ASN A 99 29.06 15.70 -18.49
CA ASN A 99 27.60 15.73 -18.65
C ASN A 99 26.85 15.69 -17.32
N VAL A 100 27.34 14.94 -16.35
CA VAL A 100 26.69 14.85 -15.03
C VAL A 100 26.76 16.19 -14.28
N GLU A 101 27.93 16.84 -14.32
CA GLU A 101 28.07 18.17 -13.74
C GLU A 101 27.13 19.16 -14.42
N ASN A 102 27.17 19.19 -15.75
CA ASN A 102 26.32 20.09 -16.53
C ASN A 102 24.83 19.82 -16.37
N THR A 103 24.47 18.54 -16.23
CA THR A 103 23.07 18.19 -16.06
C THR A 103 22.57 18.54 -14.66
N LEU A 104 23.37 18.20 -13.64
CA LEU A 104 23.02 18.53 -12.26
C LEU A 104 22.91 20.04 -12.09
N CYS A 105 23.91 20.73 -12.65
CA CYS A 105 23.94 22.17 -12.61
C CYS A 105 23.86 22.67 -14.05
N SER A 106 22.67 23.08 -14.47
CA SER A 106 22.49 23.72 -15.78
C SER A 106 21.75 25.05 -15.60
N SER A 107 20.73 25.04 -14.76
CA SER A 107 19.95 26.24 -14.47
C SER A 107 20.66 27.13 -13.45
N SER A 108 21.67 26.58 -12.78
CA SER A 108 22.45 27.29 -11.77
C SER A 108 23.53 28.17 -12.42
N SER A 109 23.83 29.30 -11.80
CA SER A 109 24.83 30.23 -12.32
C SER A 109 26.22 30.00 -11.72
N SER A 110 26.25 29.41 -10.52
CA SER A 110 27.52 29.05 -9.89
C SER A 110 27.51 27.60 -9.42
N ARG A 111 28.71 27.00 -9.41
CA ARG A 111 28.88 25.60 -9.07
C ARG A 111 30.18 25.41 -8.29
N ASP A 112 30.24 24.33 -7.53
CA ASP A 112 31.49 23.89 -6.92
C ASP A 112 31.47 22.37 -6.77
N ALA A 113 32.62 21.75 -6.94
CA ALA A 113 32.73 20.30 -6.87
C ALA A 113 32.96 19.83 -5.43
N LYS A 114 32.27 18.77 -5.06
CA LYS A 114 32.72 17.97 -3.94
C LYS A 114 32.56 16.51 -4.34
N PRO A 115 33.62 15.92 -4.90
CA PRO A 115 33.58 14.56 -5.41
C PRO A 115 33.11 13.51 -4.41
N ILE A 116 32.50 12.44 -4.92
CA ILE A 116 32.31 11.25 -4.11
C ILE A 116 33.58 10.42 -4.31
N ASN A 117 34.35 10.29 -3.23
CA ASN A 117 35.68 9.68 -3.30
C ASN A 117 35.65 8.15 -3.25
N TYR A 118 34.76 7.58 -4.07
CA TYR A 118 34.57 6.13 -4.19
C TYR A 118 33.56 5.82 -5.30
N ASN A 119 33.43 4.55 -5.65
CA ASN A 119 32.46 4.14 -6.66
C ASN A 119 31.14 3.70 -6.00
N SER A 120 30.17 3.34 -6.83
CA SER A 120 28.79 3.15 -6.36
C SER A 120 28.40 1.68 -6.10
N LEU A 121 29.35 0.76 -6.15
CA LEU A 121 29.06 -0.65 -5.87
C LEU A 121 28.58 -0.81 -4.44
N TYR A 122 27.59 -1.67 -4.21
CA TYR A 122 27.10 -1.90 -2.85
C TYR A 122 28.22 -2.27 -1.90
N SER A 123 29.12 -3.16 -2.34
CA SER A 123 30.25 -3.54 -1.50
C SER A 123 31.06 -2.32 -1.07
N THR A 124 31.28 -1.40 -2.01
CA THR A 124 32.02 -0.15 -1.72
C THR A 124 31.27 0.71 -0.70
N LEU A 125 29.97 0.90 -0.92
CA LEU A 125 29.15 1.73 -0.04
C LEU A 125 29.07 1.13 1.37
N GLU A 126 28.93 -0.20 1.43
CA GLU A 126 28.90 -0.90 2.71
C GLU A 126 30.21 -0.72 3.46
N LYS A 127 31.34 -0.85 2.74
CA LYS A 127 32.62 -0.57 3.34
C LYS A 127 32.73 0.87 3.86
N LYS A 128 32.34 1.84 3.04
CA LYS A 128 32.39 3.25 3.46
C LYS A 128 31.46 3.52 4.64
N ALA A 129 30.29 2.90 4.63
CA ALA A 129 29.35 3.00 5.75
C ALA A 129 29.76 2.23 7.00
N GLU A 130 30.85 1.45 6.90
CA GLU A 130 31.35 0.66 8.03
C GLU A 130 30.33 -0.35 8.60
N VAL A 131 29.64 -1.03 7.69
CA VAL A 131 28.73 -2.11 8.06
C VAL A 131 29.14 -3.39 7.34
N ASN A 132 28.73 -4.53 7.89
CA ASN A 132 29.01 -5.81 7.25
C ASN A 132 28.16 -6.01 6.00
N SER A 133 26.94 -5.47 6.06
CA SER A 133 25.99 -5.63 4.99
C SER A 133 24.99 -4.50 5.14
N ARG A 134 24.42 -4.07 4.02
CA ARG A 134 23.34 -3.07 4.07
C ARG A 134 22.07 -3.63 4.73
N SER A 135 22.04 -4.95 5.01
CA SER A 135 20.99 -5.50 5.84
C SER A 135 20.98 -4.82 7.21
N GLN A 136 22.12 -4.29 7.60
CA GLN A 136 22.28 -3.65 8.90
C GLN A 136 21.97 -2.17 8.93
N VAL A 137 21.68 -1.60 7.76
CA VAL A 137 21.37 -0.17 7.60
C VAL A 137 19.85 -0.04 7.45
N GLN A 138 19.21 0.52 8.48
CA GLN A 138 17.77 0.67 8.43
C GLN A 138 17.33 1.65 7.34
N LEU A 139 16.21 1.33 6.72
CA LEU A 139 15.58 2.19 5.72
C LEU A 139 14.34 2.78 6.33
N GLY A 140 13.81 3.80 5.67
CA GLY A 140 12.57 4.41 6.11
C GLY A 140 12.52 5.85 5.65
N ILE A 141 11.29 6.38 5.66
CA ILE A 141 11.03 7.74 5.21
C ILE A 141 11.71 8.78 6.09
N GLN A 142 11.54 8.64 7.41
CA GLN A 142 12.13 9.55 8.36
C GLN A 142 13.65 9.44 8.28
N ILE A 143 14.16 8.23 8.10
CA ILE A 143 15.61 8.07 7.94
C ILE A 143 16.11 8.81 6.70
N LEU A 144 15.41 8.65 5.58
CA LEU A 144 15.80 9.33 4.35
C LEU A 144 15.78 10.84 4.55
N SER A 145 14.69 11.34 5.13
CA SER A 145 14.57 12.78 5.38
C SER A 145 15.71 13.31 6.28
N SER A 146 16.00 12.59 7.35
CA SER A 146 17.08 12.98 8.26
C SER A 146 18.43 12.91 7.57
N ASP A 147 18.67 11.86 6.80
CA ASP A 147 19.96 11.72 6.13
C ASP A 147 20.18 12.83 5.12
N ILE A 148 19.13 13.24 4.40
CA ILE A 148 19.24 14.42 3.54
C ILE A 148 19.76 15.63 4.32
N GLY A 149 19.25 15.86 5.51
CA GLY A 149 19.71 16.96 6.36
C GLY A 149 21.14 16.85 6.86
N LYS A 150 21.68 15.63 6.89
CA LYS A 150 23.05 15.44 7.34
C LYS A 150 24.07 15.77 6.26
N ILE A 151 23.58 15.93 5.02
CA ILE A 151 24.46 16.18 3.88
C ILE A 151 24.21 17.54 3.24
N SER A 152 22.94 17.82 2.93
CA SER A 152 22.57 19.02 2.19
C SER A 152 22.94 20.28 2.95
N GLY A 153 23.69 21.16 2.29
CA GLY A 153 24.09 22.44 2.89
C GLY A 153 25.18 22.34 3.93
N GLN A 154 25.63 21.13 4.23
CA GLN A 154 26.66 20.93 5.26
C GLN A 154 28.07 21.14 4.71
N SER A 155 28.82 22.05 5.32
CA SER A 155 30.21 22.28 4.90
C SER A 155 31.10 21.05 5.05
N SER A 156 30.79 20.22 6.06
CA SER A 156 31.55 18.99 6.30
C SER A 156 30.64 17.80 6.62
N PHE A 157 31.02 16.64 6.07
CA PHE A 157 30.41 15.38 6.47
C PHE A 157 31.38 14.27 6.13
N THR A 158 31.33 13.17 6.88
CA THR A 158 32.23 12.04 6.64
C THR A 158 31.77 11.19 5.46
N ASP A 159 32.71 10.45 4.87
CA ASP A 159 32.36 9.48 3.82
C ASP A 159 31.35 8.46 4.33
N LYS A 160 31.46 8.09 5.61
CA LYS A 160 30.51 7.18 6.25
C LYS A 160 29.08 7.71 6.20
N THR A 161 28.90 8.97 6.61
CA THR A 161 27.58 9.58 6.60
C THR A 161 27.04 9.61 5.19
N GLU A 162 27.90 9.95 4.24
CA GLU A 162 27.50 10.03 2.85
C GLU A 162 27.09 8.65 2.35
N ALA A 163 27.89 7.65 2.65
CA ALA A 163 27.66 6.32 2.10
C ALA A 163 26.36 5.74 2.65
N LYS A 164 26.07 6.01 3.94
CA LYS A 164 24.80 5.58 4.53
C LYS A 164 23.64 6.30 3.87
N PHE A 165 23.76 7.61 3.67
CA PHE A 165 22.75 8.32 2.90
C PHE A 165 22.56 7.68 1.54
N LEU A 166 23.66 7.36 0.85
CA LEU A 166 23.54 6.79 -0.49
C LEU A 166 22.89 5.40 -0.46
N LEU A 167 23.21 4.60 0.55
CA LEU A 167 22.56 3.28 0.68
C LEU A 167 21.06 3.44 0.85
N VAL A 168 20.66 4.40 1.66
CA VAL A 168 19.24 4.63 1.88
C VAL A 168 18.57 5.18 0.61
N ALA A 169 19.16 6.21 0.00
CA ALA A 169 18.54 6.84 -1.17
C ALA A 169 18.50 5.92 -2.37
N ILE A 170 19.59 5.19 -2.64
CA ILE A 170 19.63 4.30 -3.80
C ILE A 170 18.54 3.24 -3.70
N GLN A 171 18.38 2.68 -2.49
CA GLN A 171 17.38 1.65 -2.31
C GLN A 171 15.96 2.19 -2.33
N MET A 172 15.73 3.36 -1.73
CA MET A 172 14.37 3.91 -1.63
C MET A 172 13.90 4.61 -2.90
N VAL A 173 14.86 4.91 -3.77
CA VAL A 173 14.54 5.54 -5.05
C VAL A 173 14.74 4.56 -6.22
N SER A 174 15.98 4.24 -6.57
CA SER A 174 16.23 3.39 -7.72
C SER A 174 15.75 1.95 -7.53
N GLU A 175 16.09 1.32 -6.41
CA GLU A 175 15.69 -0.09 -6.24
C GLU A 175 14.18 -0.21 -6.10
N ALA A 176 13.54 0.75 -5.43
CA ALA A 176 12.09 0.77 -5.32
C ALA A 176 11.41 0.95 -6.68
N ALA A 177 12.00 1.78 -7.55
CA ALA A 177 11.48 1.95 -8.91
C ALA A 177 11.61 0.63 -9.67
N ARG A 178 12.76 -0.01 -9.53
CA ARG A 178 12.98 -1.27 -10.25
C ARG A 178 12.08 -2.38 -9.76
N PHE A 179 11.79 -2.39 -8.46
CA PHE A 179 11.03 -3.49 -7.85
C PHE A 179 9.81 -3.00 -7.08
N LYS A 180 8.61 -3.27 -7.61
CA LYS A 180 7.39 -3.05 -6.85
C LYS A 180 7.49 -3.70 -5.46
N TYR A 181 8.16 -4.85 -5.36
CA TYR A 181 8.31 -5.46 -4.06
C TYR A 181 8.96 -4.52 -3.05
N ILE A 182 10.03 -3.85 -3.48
CA ILE A 182 10.77 -2.97 -2.58
C ILE A 182 9.94 -1.72 -2.28
N GLU A 183 9.30 -1.16 -3.31
CA GLU A 183 8.34 -0.07 -3.05
C GLU A 183 7.34 -0.49 -1.97
N ASN A 184 6.78 -1.68 -2.11
CA ASN A 184 5.74 -2.15 -1.18
C ASN A 184 6.29 -2.35 0.22
N GLN A 185 7.55 -2.76 0.34
CA GLN A 185 8.18 -2.80 1.65
C GLN A 185 8.26 -1.44 2.32
N VAL A 186 8.61 -0.42 1.55
CA VAL A 186 8.61 0.93 2.08
C VAL A 186 7.21 1.32 2.53
N LYS A 187 6.21 1.06 1.71
CA LYS A 187 4.85 1.47 2.03
C LYS A 187 4.31 0.72 3.24
N THR A 188 4.58 -0.59 3.31
CA THR A 188 4.20 -1.40 4.47
C THR A 188 4.78 -0.86 5.78
N ASN A 189 5.99 -0.32 5.71
CA ASN A 189 6.69 0.19 6.87
C ASN A 189 6.76 1.73 6.88
N PHE A 190 5.76 2.36 6.29
CA PHE A 190 5.89 3.78 6.00
C PHE A 190 6.11 4.64 7.23
N ASN A 191 5.51 4.21 8.35
CA ASN A 191 5.56 4.96 9.62
C ASN A 191 6.66 4.47 10.56
N ARG A 192 7.62 3.72 10.04
CA ARG A 192 8.66 3.19 10.90
C ARG A 192 9.98 2.91 10.21
N ASP A 193 11.04 2.77 11.00
CA ASP A 193 12.33 2.35 10.48
C ASP A 193 12.23 0.84 10.25
N PHE A 194 12.88 0.31 9.22
CA PHE A 194 12.87 -1.14 9.03
C PHE A 194 14.20 -1.65 8.48
N SER A 195 14.50 -2.89 8.80
CA SER A 195 15.69 -3.55 8.30
C SER A 195 15.30 -4.27 7.03
N PRO A 196 16.01 -4.01 5.91
CA PRO A 196 15.59 -4.65 4.66
C PRO A 196 15.78 -6.16 4.72
N ASN A 197 14.75 -6.89 4.33
CA ASN A 197 14.77 -8.35 4.42
C ASN A 197 15.62 -8.95 3.31
N ASP A 198 15.83 -10.27 3.37
CA ASP A 198 16.72 -10.95 2.45
C ASP A 198 16.23 -10.93 1.01
N LYS A 199 14.91 -10.81 0.83
CA LYS A 199 14.34 -10.67 -0.51
C LYS A 199 14.66 -9.33 -1.18
N ILE A 200 14.58 -8.24 -0.41
CA ILE A 200 14.99 -6.94 -0.93
C ILE A 200 16.42 -7.06 -1.45
N LEU A 201 17.34 -7.57 -0.63
CA LEU A 201 18.76 -7.58 -1.02
C LEU A 201 18.97 -8.50 -2.21
N ASP A 202 18.29 -9.65 -2.18
CA ASP A 202 18.44 -10.61 -3.26
C ASP A 202 17.93 -10.09 -4.62
N LEU A 203 16.76 -9.46 -4.61
CA LEU A 203 16.22 -8.84 -5.82
C LEU A 203 17.20 -7.80 -6.38
N GLU A 204 17.73 -6.94 -5.50
CA GLU A 204 18.68 -5.91 -5.91
C GLU A 204 19.88 -6.52 -6.65
N GLU A 205 20.38 -7.63 -6.11
CA GLU A 205 21.60 -8.25 -6.63
C GLU A 205 21.34 -8.98 -7.94
N ASN A 206 20.10 -9.38 -8.16
CA ASN A 206 19.73 -10.21 -9.31
C ASN A 206 18.89 -9.54 -10.39
N TRP A 207 18.75 -8.21 -10.32
CA TRP A 207 17.90 -7.51 -11.28
C TRP A 207 18.27 -7.80 -12.73
N GLY A 208 19.57 -7.78 -13.00
CA GLY A 208 20.07 -8.04 -14.35
C GLY A 208 19.70 -9.44 -14.82
N LYS A 209 19.96 -10.43 -13.96
CA LYS A 209 19.63 -11.85 -14.23
C LYS A 209 18.13 -12.03 -14.43
N ILE A 210 17.35 -11.39 -13.56
CA ILE A 210 15.90 -11.49 -13.65
C ILE A 210 15.41 -10.86 -14.97
N SER A 211 15.94 -9.67 -15.29
CA SER A 211 15.55 -8.99 -16.52
C SER A 211 15.84 -9.82 -17.77
N THR A 212 17.05 -10.40 -17.83
CA THR A 212 17.42 -11.32 -18.91
C THR A 212 16.45 -12.51 -18.99
N ALA A 213 16.16 -13.13 -17.84
CA ALA A 213 15.33 -14.33 -17.81
C ALA A 213 13.91 -14.06 -18.31
N ILE A 214 13.33 -12.96 -17.85
CA ILE A 214 12.01 -12.56 -18.32
C ILE A 214 12.02 -12.21 -19.82
N HIS A 215 13.01 -11.41 -20.24
CA HIS A 215 13.13 -11.05 -21.67
C HIS A 215 13.21 -12.27 -22.59
N ASP A 216 13.93 -13.29 -22.14
CA ASP A 216 14.24 -14.46 -22.97
C ASP A 216 13.26 -15.62 -22.73
N ALA A 217 12.25 -15.40 -21.91
CA ALA A 217 11.22 -16.40 -21.67
C ALA A 217 10.33 -16.60 -22.90
N THR A 218 9.94 -17.85 -23.19
CA THR A 218 8.99 -18.09 -24.29
C THR A 218 7.63 -18.48 -23.74
N ASN A 219 6.60 -17.72 -24.11
CA ASN A 219 5.25 -17.95 -23.60
C ASN A 219 5.22 -18.08 -22.07
N GLY A 220 6.06 -17.30 -21.39
CA GLY A 220 6.07 -17.24 -19.93
C GLY A 220 7.01 -18.18 -19.19
N ALA A 221 7.62 -19.11 -19.93
CA ALA A 221 8.52 -20.06 -19.31
C ALA A 221 9.95 -19.51 -19.29
N LEU A 222 10.56 -19.40 -18.11
CA LEU A 222 11.96 -18.94 -18.02
C LEU A 222 12.87 -20.02 -18.56
N PRO A 223 13.92 -19.65 -19.32
CA PRO A 223 14.79 -20.72 -19.85
C PRO A 223 15.44 -21.62 -18.79
N LYS A 224 15.75 -21.08 -17.62
CA LYS A 224 16.32 -21.88 -16.53
C LYS A 224 15.67 -21.44 -15.23
N PRO A 225 15.61 -22.34 -14.22
CA PRO A 225 15.14 -21.91 -12.91
C PRO A 225 15.97 -20.73 -12.38
N LEU A 226 15.28 -19.78 -11.77
CA LEU A 226 15.91 -18.60 -11.19
C LEU A 226 15.96 -18.82 -9.68
N GLU A 227 17.16 -18.82 -9.09
CA GLU A 227 17.28 -19.08 -7.66
C GLU A 227 17.36 -17.74 -6.93
N LEU A 228 16.29 -17.42 -6.24
CA LEU A 228 16.13 -16.16 -5.53
C LEU A 228 15.89 -16.44 -4.04
N LYS A 229 15.55 -15.41 -3.27
CA LYS A 229 15.20 -15.62 -1.87
C LYS A 229 13.84 -15.08 -1.50
N ASN A 230 13.17 -15.78 -0.61
CA ASN A 230 11.95 -15.30 0.02
C ASN A 230 12.26 -14.25 1.08
N ALA A 231 11.24 -13.54 1.53
CA ALA A 231 11.42 -12.50 2.55
C ALA A 231 12.07 -13.00 3.84
N ASP A 232 11.79 -14.25 4.22
CA ASP A 232 12.38 -14.80 5.44
C ASP A 232 13.76 -15.45 5.24
N GLY A 233 14.29 -15.35 4.02
CA GLY A 233 15.61 -15.84 3.66
C GLY A 233 15.67 -17.24 3.10
N THR A 234 14.52 -17.91 3.03
CA THR A 234 14.49 -19.26 2.50
C THR A 234 14.62 -19.19 0.97
N LYS A 235 14.99 -20.31 0.36
CA LYS A 235 15.23 -20.40 -1.07
C LYS A 235 13.92 -20.30 -1.86
N TRP A 236 13.93 -19.47 -2.93
CA TRP A 236 12.80 -19.26 -3.81
C TRP A 236 13.21 -19.60 -5.25
N ILE A 237 12.66 -20.69 -5.77
CA ILE A 237 12.96 -21.10 -7.12
C ILE A 237 11.82 -20.72 -8.06
N VAL A 238 12.14 -19.83 -9.02
CA VAL A 238 11.16 -19.28 -9.94
C VAL A 238 11.28 -19.96 -11.30
N LEU A 239 10.16 -20.43 -11.83
CA LEU A 239 10.15 -21.14 -13.10
C LEU A 239 9.43 -20.38 -14.22
N ARG A 240 8.46 -19.55 -13.85
CA ARG A 240 7.69 -18.81 -14.85
C ARG A 240 7.60 -17.32 -14.55
N VAL A 241 7.41 -16.53 -15.60
CA VAL A 241 7.34 -15.07 -15.47
C VAL A 241 6.29 -14.61 -14.45
N ASP A 242 5.13 -15.24 -14.46
CA ASP A 242 4.05 -14.82 -13.57
C ASP A 242 4.38 -14.99 -12.09
N GLU A 243 5.39 -15.78 -11.78
CA GLU A 243 5.79 -15.96 -10.38
C GLU A 243 6.54 -14.74 -9.87
N ILE A 244 7.27 -14.08 -10.77
CA ILE A 244 8.14 -12.97 -10.36
C ILE A 244 7.55 -11.62 -10.77
N LYS A 245 6.72 -11.61 -11.82
CA LYS A 245 6.14 -10.36 -12.34
C LYS A 245 5.58 -9.37 -11.30
N PRO A 246 4.78 -9.85 -10.32
CA PRO A 246 4.22 -8.88 -9.36
C PRO A 246 5.30 -8.11 -8.58
N ASP A 247 6.51 -8.65 -8.49
CA ASP A 247 7.57 -7.94 -7.78
C ASP A 247 8.29 -6.90 -8.62
N MET A 248 8.04 -6.92 -9.93
CA MET A 248 8.83 -6.12 -10.88
C MET A 248 8.18 -4.79 -11.17
N GLY A 249 9.00 -3.75 -11.15
CA GLY A 249 8.57 -2.42 -11.56
C GLY A 249 9.14 -2.05 -12.92
N LEU A 250 10.40 -2.39 -13.14
CA LEU A 250 11.09 -2.09 -14.39
C LEU A 250 12.10 -3.18 -14.74
N LEU A 251 12.23 -3.48 -16.03
CA LEU A 251 13.28 -4.38 -16.50
C LEU A 251 14.47 -3.58 -17.00
N ASN A 252 15.66 -4.07 -16.70
CA ASN A 252 16.86 -3.57 -17.32
C ASN A 252 16.71 -3.75 -18.82
N TYR A 253 17.31 -2.84 -19.58
CA TYR A 253 17.32 -2.98 -21.02
C TYR A 253 18.01 -4.28 -21.45
N VAL A 254 17.35 -5.01 -22.34
CA VAL A 254 17.89 -6.23 -22.90
C VAL A 254 17.52 -6.19 -24.37
N ASN A 255 18.53 -6.28 -25.24
CA ASN A 255 18.29 -6.18 -26.67
C ASN A 255 17.62 -7.42 -27.25
N GLY A 256 17.06 -7.27 -28.44
CA GLY A 256 16.34 -8.36 -29.08
C GLY A 256 14.85 -8.29 -28.82
N THR A 257 14.14 -9.28 -29.33
CA THR A 257 12.70 -9.34 -29.22
C THR A 257 12.28 -10.10 -27.96
N CYS A 258 11.11 -9.75 -27.42
CA CYS A 258 10.48 -10.51 -26.33
C CYS A 258 8.97 -10.48 -26.51
N GLN A 259 8.25 -11.33 -25.79
CA GLN A 259 6.78 -11.27 -25.78
C GLN A 259 6.40 -10.03 -24.98
N THR A 260 5.80 -9.06 -25.66
CA THR A 260 5.53 -7.77 -25.02
C THR A 260 4.31 -7.83 -24.07
N THR A 261 3.40 -8.75 -24.36
CA THR A 261 2.23 -9.00 -23.51
C THR A 261 1.87 -10.48 -23.59
N ILE B 1 -17.45 -22.09 12.66
CA ILE B 1 -17.25 -20.69 12.20
C ILE B 1 -15.84 -20.21 12.52
N ASN B 2 -15.25 -19.43 11.63
CA ASN B 2 -13.91 -18.89 11.85
C ASN B 2 -13.92 -17.49 12.46
N THR B 3 -12.92 -17.21 13.29
CA THR B 3 -12.71 -15.89 13.88
C THR B 3 -11.48 -15.23 13.27
N ILE B 4 -11.68 -14.00 12.81
CA ILE B 4 -10.58 -13.18 12.29
C ILE B 4 -10.33 -12.17 13.39
N THR B 5 -9.07 -12.00 13.79
CA THR B 5 -8.77 -11.15 14.94
C THR B 5 -7.95 -9.94 14.54
N TYR B 6 -8.15 -8.83 15.25
CA TYR B 6 -7.34 -7.64 15.06
C TYR B 6 -7.25 -6.84 16.36
N ASP B 7 -6.02 -6.53 16.77
CA ASP B 7 -5.77 -5.71 17.94
C ASP B 7 -5.48 -4.29 17.47
N ALA B 8 -6.50 -3.44 17.55
CA ALA B 8 -6.35 -2.04 17.17
C ALA B 8 -5.58 -1.19 18.19
N GLY B 9 -5.41 -1.72 19.39
CA GLY B 9 -4.75 -0.95 20.43
C GLY B 9 -3.24 -0.99 20.41
N ASN B 10 -2.70 -1.99 19.70
CA ASN B 10 -1.27 -2.14 19.59
C ASN B 10 -1.00 -2.81 18.25
N THR B 11 -0.63 -1.98 17.27
CA THR B 11 -0.70 -2.44 15.90
C THR B 11 0.32 -1.80 14.95
N THR B 12 0.30 -2.25 13.70
CA THR B 12 1.22 -1.77 12.67
C THR B 12 0.47 -1.75 11.36
N ILE B 13 1.01 -1.05 10.36
CA ILE B 13 0.39 -1.04 9.05
C ILE B 13 0.28 -2.46 8.51
N ASN B 14 1.36 -3.23 8.69
CA ASN B 14 1.35 -4.59 8.20
C ASN B 14 0.25 -5.44 8.80
N LYS B 15 0.07 -5.31 10.12
CA LYS B 15 -0.95 -6.08 10.81
C LYS B 15 -2.36 -5.74 10.30
N TYR B 16 -2.61 -4.46 10.03
CA TYR B 16 -3.91 -4.08 9.47
C TYR B 16 -4.05 -4.65 8.06
N ALA B 17 -2.99 -4.59 7.26
CA ALA B 17 -3.03 -5.18 5.91
C ALA B 17 -3.32 -6.70 5.92
N THR B 18 -2.68 -7.41 6.84
CA THR B 18 -2.86 -8.85 6.98
C THR B 18 -4.28 -9.15 7.42
N PHE B 19 -4.81 -8.32 8.32
CA PHE B 19 -6.17 -8.45 8.80
C PHE B 19 -7.16 -8.32 7.65
N MET B 20 -6.96 -7.30 6.81
CA MET B 20 -7.84 -7.10 5.66
C MET B 20 -7.77 -8.29 4.70
N GLU B 21 -6.55 -8.77 4.44
CA GLU B 21 -6.39 -9.94 3.55
C GLU B 21 -7.04 -11.18 4.15
N SER B 22 -6.91 -11.36 5.45
CA SER B 22 -7.55 -12.50 6.13
C SER B 22 -9.07 -12.44 6.08
N LEU B 23 -9.61 -11.25 6.30
CA LEU B 23 -11.05 -11.04 6.25
C LEU B 23 -11.59 -11.34 4.85
N ARG B 24 -10.92 -10.80 3.83
CA ARG B 24 -11.37 -11.01 2.45
C ARG B 24 -11.32 -12.49 2.09
N ASN B 25 -10.26 -13.18 2.51
CA ASN B 25 -10.12 -14.58 2.18
C ASN B 25 -11.13 -15.49 2.88
N GLU B 26 -11.51 -15.13 4.11
N GLU B 26 -11.55 -15.11 4.08
CA GLU B 26 -12.56 -15.86 4.82
CA GLU B 26 -12.57 -15.87 4.83
C GLU B 26 -13.90 -15.63 4.15
C GLU B 26 -13.98 -15.56 4.37
N ALA B 27 -14.19 -14.36 3.83
CA ALA B 27 -15.51 -13.98 3.29
C ALA B 27 -15.79 -14.44 1.86
N LYS B 28 -14.77 -14.37 0.99
CA LYS B 28 -14.98 -14.59 -0.43
C LYS B 28 -15.46 -16.00 -0.72
N ASP B 29 -16.24 -16.13 -1.79
CA ASP B 29 -16.55 -17.44 -2.32
C ASP B 29 -15.24 -18.10 -2.75
N PRO B 30 -15.06 -19.40 -2.48
CA PRO B 30 -13.79 -20.02 -2.86
C PRO B 30 -13.42 -19.93 -4.36
N SER B 31 -14.40 -19.71 -5.24
CA SER B 31 -14.10 -19.67 -6.68
C SER B 31 -14.52 -18.39 -7.42
N LEU B 32 -15.65 -17.81 -7.02
CA LEU B 32 -16.23 -16.68 -7.76
C LEU B 32 -15.33 -15.45 -7.74
N GLN B 33 -15.13 -14.87 -8.91
CA GLN B 33 -14.35 -13.64 -9.05
C GLN B 33 -14.67 -13.06 -10.41
N CYS B 34 -14.53 -11.75 -10.53
CA CYS B 34 -14.61 -11.10 -11.82
C CYS B 34 -13.44 -10.17 -11.96
N TYR B 35 -12.78 -10.23 -13.11
CA TYR B 35 -11.63 -9.38 -13.40
C TYR B 35 -10.59 -9.42 -12.28
N GLY B 36 -10.41 -10.60 -11.69
CA GLY B 36 -9.39 -10.81 -10.66
C GLY B 36 -9.78 -10.28 -9.30
N ILE B 37 -11.03 -9.86 -9.15
CA ILE B 37 -11.53 -9.37 -7.85
C ILE B 37 -12.43 -10.42 -7.24
N PRO B 38 -12.09 -10.92 -6.04
CA PRO B 38 -12.94 -11.96 -5.48
C PRO B 38 -14.36 -11.49 -5.20
N MET B 39 -15.30 -12.42 -5.33
CA MET B 39 -16.71 -12.15 -5.11
C MET B 39 -17.24 -12.91 -3.89
N LEU B 40 -18.13 -12.28 -3.14
CA LEU B 40 -18.80 -12.92 -2.01
C LEU B 40 -19.76 -14.00 -2.50
N PRO B 41 -20.05 -14.99 -1.64
CA PRO B 41 -21.00 -16.05 -2.02
C PRO B 41 -22.46 -15.58 -1.99
N ASN B 42 -23.34 -16.40 -2.58
CA ASN B 42 -24.78 -16.21 -2.39
C ASN B 42 -25.24 -16.58 -0.98
N ASN B 43 -26.55 -16.46 -0.73
CA ASN B 43 -27.18 -16.74 0.57
C ASN B 43 -27.05 -18.19 1.02
N SER B 44 -26.80 -19.08 0.07
CA SER B 44 -26.97 -20.52 0.27
C SER B 44 -25.70 -21.28 0.65
N SER B 45 -24.63 -20.55 0.95
CA SER B 45 -23.38 -21.18 1.37
C SER B 45 -23.55 -21.87 2.73
N THR B 46 -22.81 -22.95 2.94
CA THR B 46 -22.89 -23.73 4.18
C THR B 46 -22.54 -22.88 5.40
N ILE B 47 -21.41 -22.19 5.32
CA ILE B 47 -20.98 -21.26 6.36
C ILE B 47 -21.45 -19.85 5.98
N LYS B 48 -22.44 -19.35 6.71
CA LYS B 48 -23.14 -18.09 6.40
C LYS B 48 -22.52 -16.84 7.02
N TYR B 49 -21.82 -17.00 8.13
CA TYR B 49 -21.32 -15.84 8.86
C TYR B 49 -19.84 -15.99 9.20
N LEU B 50 -19.24 -14.90 9.68
CA LEU B 50 -17.90 -14.96 10.27
C LEU B 50 -17.86 -14.03 11.46
N LEU B 51 -16.89 -14.27 12.34
CA LEU B 51 -16.69 -13.44 13.51
C LEU B 51 -15.46 -12.60 13.33
N VAL B 52 -15.52 -11.35 13.78
CA VAL B 52 -14.33 -10.51 13.78
C VAL B 52 -14.12 -10.04 15.22
N LYS B 53 -13.03 -10.49 15.82
CA LYS B 53 -12.72 -10.16 17.22
C LYS B 53 -11.74 -9.01 17.28
N LEU B 54 -12.23 -7.86 17.75
CA LEU B 54 -11.41 -6.64 17.84
C LEU B 54 -10.95 -6.37 19.26
N GLN B 55 -9.70 -5.97 19.44
CA GLN B 55 -9.20 -5.58 20.74
C GLN B 55 -8.83 -4.09 20.69
N GLY B 56 -9.07 -3.38 21.78
CA GLY B 56 -8.81 -1.96 21.81
C GLY B 56 -8.29 -1.50 23.15
N ALA B 57 -8.78 -0.36 23.62
CA ALA B 57 -8.26 0.28 24.83
C ALA B 57 -8.28 -0.68 26.01
N SER B 58 -7.21 -0.68 26.77
CA SER B 58 -7.09 -1.51 27.99
C SER B 58 -7.32 -3.00 27.71
N GLN B 59 -7.03 -3.38 26.47
CA GLN B 59 -7.11 -4.77 26.02
C GLN B 59 -8.52 -5.36 26.03
N LYS B 60 -9.51 -4.47 26.09
CA LYS B 60 -10.90 -4.85 26.04
C LYS B 60 -11.28 -5.28 24.62
N THR B 61 -12.24 -6.18 24.51
CA THR B 61 -12.58 -6.78 23.23
C THR B 61 -14.05 -6.60 22.88
N ILE B 62 -14.30 -6.61 21.57
CA ILE B 62 -15.62 -6.66 21.03
C ILE B 62 -15.55 -7.63 19.85
N THR B 63 -16.57 -8.48 19.74
CA THR B 63 -16.67 -9.37 18.61
C THR B 63 -17.83 -8.96 17.71
N LEU B 64 -17.51 -8.66 16.44
CA LEU B 64 -18.52 -8.37 15.44
C LEU B 64 -18.96 -9.66 14.75
N MET B 65 -20.26 -9.78 14.50
CA MET B 65 -20.74 -10.85 13.61
C MET B 65 -21.10 -10.28 12.25
N LEU B 66 -20.50 -10.85 11.20
CA LEU B 66 -20.70 -10.39 9.83
C LEU B 66 -21.38 -11.46 8.99
N ARG B 67 -22.34 -11.04 8.18
CA ARG B 67 -22.92 -11.91 7.16
C ARG B 67 -21.93 -12.02 6.01
N ARG B 68 -21.62 -13.25 5.62
CA ARG B 68 -20.63 -13.51 4.58
C ARG B 68 -21.06 -13.05 3.19
N ASN B 69 -22.33 -13.25 2.88
CA ASN B 69 -22.93 -12.89 1.59
C ASN B 69 -22.74 -11.40 1.23
N ASN B 70 -22.67 -10.54 2.23
CA ASN B 70 -22.60 -9.09 1.99
C ASN B 70 -21.74 -8.26 2.95
N LEU B 71 -21.12 -8.94 3.91
CA LEU B 71 -20.32 -8.31 4.99
C LEU B 71 -21.04 -7.35 5.93
N TYR B 72 -22.37 -7.35 5.90
CA TYR B 72 -23.14 -6.56 6.83
C TYR B 72 -22.88 -6.99 8.28
N VAL B 73 -22.73 -6.03 9.17
CA VAL B 73 -22.62 -6.29 10.60
C VAL B 73 -24.04 -6.45 11.13
N MET B 74 -24.29 -7.58 11.78
CA MET B 74 -25.64 -7.86 12.28
C MET B 74 -25.76 -7.63 13.76
N GLY B 75 -24.63 -7.69 14.46
CA GLY B 75 -24.58 -7.43 15.88
C GLY B 75 -23.17 -7.62 16.40
N TYR B 76 -23.00 -7.42 17.70
CA TYR B 76 -21.70 -7.61 18.31
C TYR B 76 -21.85 -8.09 19.74
N SER B 77 -20.78 -8.65 20.29
CA SER B 77 -20.77 -9.03 21.70
C SER B 77 -19.60 -8.40 22.44
N ASP B 78 -19.75 -8.29 23.75
CA ASP B 78 -18.66 -7.87 24.61
C ASP B 78 -18.72 -8.66 25.91
N PRO B 79 -17.55 -8.95 26.49
CA PRO B 79 -17.51 -9.49 27.85
C PRO B 79 -18.01 -8.44 28.84
N PHE B 80 -19.08 -8.77 29.56
CA PHE B 80 -19.65 -7.87 30.55
C PHE B 80 -20.11 -8.60 31.80
N ASN B 81 -19.49 -8.28 32.94
CA ASN B 81 -19.83 -8.94 34.22
C ASN B 81 -19.83 -10.46 34.15
N GLY B 82 -18.90 -10.99 33.36
CA GLY B 82 -18.69 -12.42 33.26
C GLY B 82 -19.58 -13.10 32.25
N ASN B 83 -20.40 -12.33 31.55
CA ASN B 83 -21.17 -12.94 30.48
C ASN B 83 -20.92 -12.41 29.09
N CYS B 84 -21.38 -13.17 28.11
CA CYS B 84 -21.36 -12.72 26.74
C CYS B 84 -22.54 -11.79 26.58
N ARG B 85 -22.26 -10.49 26.49
CA ARG B 85 -23.34 -9.55 26.31
C ARG B 85 -23.54 -9.33 24.81
N TYR B 86 -24.69 -9.76 24.29
CA TYR B 86 -24.97 -9.70 22.85
C TYR B 86 -25.88 -8.55 22.50
N HIS B 87 -25.48 -7.83 21.44
CA HIS B 87 -26.17 -6.64 20.99
C HIS B 87 -26.53 -6.87 19.55
N ILE B 88 -27.81 -6.97 19.25
CA ILE B 88 -28.29 -7.23 17.90
C ILE B 88 -29.13 -6.04 17.39
N PHE B 89 -28.97 -5.67 16.12
CA PHE B 89 -29.76 -4.62 15.49
C PHE B 89 -31.23 -5.04 15.45
N ASN B 90 -32.14 -4.06 15.37
CA ASN B 90 -33.56 -4.38 15.28
C ASN B 90 -34.03 -4.81 13.87
N ASP B 91 -33.32 -4.35 12.83
CA ASP B 91 -33.63 -4.75 11.45
C ASP B 91 -33.32 -6.23 11.16
N ILE B 92 -32.66 -6.88 12.11
CA ILE B 92 -32.44 -8.31 12.09
C ILE B 92 -33.71 -9.00 12.58
N THR B 93 -34.25 -9.90 11.75
CA THR B 93 -35.56 -10.51 11.98
C THR B 93 -35.53 -11.63 13.02
N GLY B 94 -36.62 -11.79 13.78
CA GLY B 94 -36.76 -12.80 14.82
C GLY B 94 -36.11 -14.15 14.53
N THR B 95 -36.27 -14.63 13.30
CA THR B 95 -35.65 -15.87 12.85
C THR B 95 -34.12 -15.74 12.89
N GLU B 96 -33.61 -14.75 12.17
CA GLU B 96 -32.18 -14.40 12.17
C GLU B 96 -31.67 -14.12 13.58
N ARG B 97 -32.44 -13.35 14.36
CA ARG B 97 -32.07 -12.91 15.72
C ARG B 97 -31.41 -13.99 16.56
N THR B 98 -32.05 -15.17 16.59
CA THR B 98 -31.64 -16.27 17.44
C THR B 98 -30.31 -16.85 16.98
N ASN B 99 -30.09 -16.89 15.67
CA ASN B 99 -28.84 -17.35 15.08
C ASN B 99 -27.67 -16.44 15.42
N VAL B 100 -27.92 -15.13 15.37
CA VAL B 100 -26.92 -14.11 15.71
C VAL B 100 -26.51 -14.27 17.18
N GLU B 101 -27.51 -14.27 18.05
CA GLU B 101 -27.33 -14.49 19.49
C GLU B 101 -26.51 -15.74 19.77
N ASN B 102 -26.93 -16.88 19.20
CA ASN B 102 -26.21 -18.14 19.40
C ASN B 102 -24.78 -18.16 18.85
N THR B 103 -24.55 -17.51 17.72
CA THR B 103 -23.22 -17.51 17.11
C THR B 103 -22.23 -16.63 17.89
N LEU B 104 -22.70 -15.46 18.32
CA LEU B 104 -21.86 -14.54 19.10
C LEU B 104 -21.38 -15.15 20.42
N CYS B 105 -22.25 -15.93 21.07
CA CYS B 105 -21.97 -16.39 22.42
C CYS B 105 -21.71 -17.90 22.52
N SER B 106 -20.70 -18.38 21.78
CA SER B 106 -20.34 -19.81 21.73
C SER B 106 -19.91 -20.37 23.09
N SER B 107 -19.04 -19.64 23.80
CA SER B 107 -18.77 -19.91 25.21
C SER B 107 -19.98 -19.41 26.01
N SER B 108 -20.96 -20.29 26.13
CA SER B 108 -22.32 -19.89 26.48
C SER B 108 -22.64 -20.03 27.97
N SER B 109 -21.62 -20.33 28.77
CA SER B 109 -21.80 -20.52 30.21
C SER B 109 -22.64 -19.41 30.83
N SER B 110 -22.66 -18.24 30.19
CA SER B 110 -23.61 -17.18 30.53
C SER B 110 -23.68 -16.09 29.46
N ARG B 111 -24.88 -15.57 29.27
CA ARG B 111 -25.15 -14.51 28.31
C ARG B 111 -26.23 -13.55 28.81
N ASP B 112 -26.22 -12.34 28.27
CA ASP B 112 -27.17 -11.32 28.63
C ASP B 112 -27.41 -10.43 27.40
N ALA B 113 -28.66 -10.03 27.20
CA ALA B 113 -29.04 -9.20 26.07
C ALA B 113 -28.91 -7.71 26.36
N LYS B 114 -28.19 -7.00 25.49
CA LYS B 114 -28.36 -5.55 25.41
C LYS B 114 -28.61 -5.19 23.96
N PRO B 115 -29.88 -5.19 23.55
CA PRO B 115 -30.28 -4.89 22.18
C PRO B 115 -29.72 -3.57 21.66
N ILE B 116 -29.47 -3.51 20.35
CA ILE B 116 -29.18 -2.25 19.68
C ILE B 116 -30.52 -1.63 19.29
N ASN B 117 -30.90 -0.55 19.98
CA ASN B 117 -32.26 0.00 19.86
C ASN B 117 -32.53 0.78 18.57
N TYR B 118 -32.02 0.26 17.44
CA TYR B 118 -32.15 0.90 16.13
C TYR B 118 -31.62 0.00 15.01
N ASN B 119 -31.85 0.39 13.76
CA ASN B 119 -31.34 -0.38 12.63
C ASN B 119 -29.92 0.03 12.21
N SER B 120 -29.40 -0.66 11.18
CA SER B 120 -27.99 -0.51 10.78
C SER B 120 -27.76 0.40 9.57
N LEU B 121 -28.83 0.99 9.02
CA LEU B 121 -28.68 1.95 7.93
C LEU B 121 -27.78 3.11 8.35
N TYR B 122 -26.91 3.56 7.45
CA TYR B 122 -26.06 4.72 7.71
C TYR B 122 -26.84 5.96 8.16
N SER B 123 -27.98 6.22 7.52
CA SER B 123 -28.82 7.35 7.90
C SER B 123 -29.25 7.23 9.37
N THR B 124 -29.60 6.03 9.78
CA THR B 124 -30.00 5.76 11.17
C THR B 124 -28.83 5.96 12.15
N LEU B 125 -27.70 5.36 11.82
CA LEU B 125 -26.50 5.52 12.64
C LEU B 125 -26.09 6.98 12.78
N GLU B 126 -26.19 7.73 11.68
CA GLU B 126 -25.84 9.15 11.69
C GLU B 126 -26.78 9.94 12.59
N LYS B 127 -28.06 9.61 12.53
CA LYS B 127 -29.02 10.29 13.38
C LYS B 127 -28.79 9.97 14.87
N LYS B 128 -28.62 8.68 15.19
CA LYS B 128 -28.31 8.26 16.56
C LYS B 128 -26.99 8.89 17.04
N ALA B 129 -26.01 8.98 16.15
CA ALA B 129 -24.74 9.61 16.48
C ALA B 129 -24.84 11.13 16.53
N GLU B 130 -25.98 11.68 16.15
CA GLU B 130 -26.23 13.13 16.21
C GLU B 130 -25.26 13.94 15.32
N VAL B 131 -25.02 13.43 14.12
CA VAL B 131 -24.24 14.14 13.13
C VAL B 131 -25.06 14.34 11.86
N ASN B 132 -24.69 15.35 11.07
CA ASN B 132 -25.35 15.54 9.78
C ASN B 132 -25.03 14.41 8.81
N SER B 133 -23.77 13.97 8.85
CA SER B 133 -23.28 12.93 7.94
C SER B 133 -22.11 12.25 8.63
N ARG B 134 -21.90 10.96 8.31
CA ARG B 134 -20.68 10.29 8.80
C ARG B 134 -19.40 10.92 8.24
N SER B 135 -19.53 11.83 7.27
CA SER B 135 -18.37 12.64 6.89
C SER B 135 -17.80 13.39 8.10
N GLN B 136 -18.64 13.61 9.13
CA GLN B 136 -18.26 14.38 10.31
C GLN B 136 -17.74 13.51 11.46
N VAL B 137 -17.68 12.20 11.23
CA VAL B 137 -17.22 11.26 12.24
C VAL B 137 -15.84 10.80 11.82
N GLN B 138 -14.81 11.22 12.53
CA GLN B 138 -13.46 10.86 12.13
C GLN B 138 -13.22 9.38 12.34
N LEU B 139 -12.40 8.84 11.44
CA LEU B 139 -11.98 7.45 11.50
C LEU B 139 -10.53 7.43 11.89
N GLY B 140 -10.06 6.25 12.30
CA GLY B 140 -8.66 6.09 12.63
C GLY B 140 -8.47 4.90 13.54
N ILE B 141 -7.23 4.43 13.57
CA ILE B 141 -6.87 3.28 14.38
C ILE B 141 -7.05 3.62 15.86
N GLN B 142 -6.54 4.76 16.30
CA GLN B 142 -6.68 5.15 17.71
C GLN B 142 -8.14 5.38 18.07
N ILE B 143 -8.89 6.01 17.16
CA ILE B 143 -10.31 6.20 17.39
C ILE B 143 -11.00 4.86 17.59
N LEU B 144 -10.72 3.90 16.71
CA LEU B 144 -11.34 2.58 16.84
C LEU B 144 -10.99 1.93 18.19
N SER B 145 -9.71 1.96 18.54
CA SER B 145 -9.25 1.41 19.82
C SER B 145 -9.96 2.07 21.00
N SER B 146 -10.05 3.39 21.00
CA SER B 146 -10.72 4.11 22.06
C SER B 146 -12.21 3.83 22.12
N ASP B 147 -12.87 3.75 20.96
CA ASP B 147 -14.30 3.49 20.93
C ASP B 147 -14.63 2.09 21.48
N ILE B 148 -13.78 1.11 21.18
CA ILE B 148 -13.94 -0.21 21.77
C ILE B 148 -13.99 -0.09 23.30
N GLY B 149 -13.09 0.71 23.86
CA GLY B 149 -13.04 0.93 25.31
C GLY B 149 -14.25 1.63 25.90
N LYS B 150 -14.97 2.42 25.08
CA LYS B 150 -16.18 3.12 25.51
C LYS B 150 -17.38 2.22 25.61
N ILE B 151 -17.26 1.03 25.03
CA ILE B 151 -18.39 0.10 24.95
C ILE B 151 -18.13 -1.18 25.74
N SER B 152 -16.99 -1.79 25.47
CA SER B 152 -16.70 -3.11 26.01
C SER B 152 -16.59 -3.07 27.53
N GLY B 153 -17.38 -3.93 28.18
CA GLY B 153 -17.40 -4.02 29.65
C GLY B 153 -18.06 -2.86 30.37
N GLN B 154 -18.63 -1.91 29.64
CA GLN B 154 -19.24 -0.76 30.27
C GLN B 154 -20.70 -1.07 30.62
N SER B 155 -21.05 -0.91 31.90
CA SER B 155 -22.43 -1.19 32.31
C SER B 155 -23.45 -0.25 31.68
N SER B 156 -23.03 0.97 31.35
CA SER B 156 -23.89 1.96 30.73
C SER B 156 -23.16 2.66 29.60
N PHE B 157 -23.87 2.90 28.50
CA PHE B 157 -23.38 3.76 27.43
C PHE B 157 -24.56 4.27 26.62
N THR B 158 -24.43 5.45 26.03
CA THR B 158 -25.54 6.03 25.28
C THR B 158 -25.65 5.41 23.90
N ASP B 159 -26.84 5.49 23.30
CA ASP B 159 -27.03 5.12 21.91
C ASP B 159 -26.12 5.93 20.98
N LYS B 160 -25.86 7.19 21.33
CA LYS B 160 -24.95 8.05 20.57
C LYS B 160 -23.50 7.53 20.57
N THR B 161 -23.01 7.12 21.74
CA THR B 161 -21.69 6.52 21.84
C THR B 161 -21.61 5.24 21.02
N GLU B 162 -22.65 4.42 21.11
CA GLU B 162 -22.71 3.15 20.42
C GLU B 162 -22.76 3.34 18.90
N ALA B 163 -23.58 4.29 18.44
CA ALA B 163 -23.72 4.56 17.02
C ALA B 163 -22.40 5.02 16.39
N LYS B 164 -21.69 5.89 17.09
CA LYS B 164 -20.37 6.35 16.65
C LYS B 164 -19.38 5.20 16.57
N PHE B 165 -19.33 4.37 17.61
CA PHE B 165 -18.52 3.16 17.53
C PHE B 165 -18.88 2.33 16.30
N LEU B 166 -20.16 2.15 16.06
CA LEU B 166 -20.58 1.32 14.93
C LEU B 166 -20.17 1.95 13.59
N LEU B 167 -20.31 3.27 13.48
CA LEU B 167 -19.87 3.94 12.26
C LEU B 167 -18.38 3.72 12.00
N VAL B 168 -17.58 3.79 13.06
CA VAL B 168 -16.13 3.62 12.90
C VAL B 168 -15.83 2.17 12.56
N ALA B 169 -16.40 1.23 13.30
CA ALA B 169 -16.11 -0.19 13.13
C ALA B 169 -16.60 -0.71 11.77
N ILE B 170 -17.81 -0.34 11.37
CA ILE B 170 -18.35 -0.83 10.10
C ILE B 170 -17.46 -0.35 8.94
N GLN B 171 -17.00 0.89 9.02
CA GLN B 171 -16.19 1.41 7.94
C GLN B 171 -14.77 0.87 7.94
N MET B 172 -14.16 0.73 9.11
CA MET B 172 -12.78 0.26 9.16
C MET B 172 -12.63 -1.27 9.04
N VAL B 173 -13.75 -1.98 9.17
CA VAL B 173 -13.74 -3.43 9.00
C VAL B 173 -14.41 -3.84 7.66
N SER B 174 -15.74 -3.70 7.59
CA SER B 174 -16.51 -4.16 6.46
C SER B 174 -16.23 -3.32 5.21
N GLU B 175 -16.33 -2.00 5.32
CA GLU B 175 -16.10 -1.19 4.10
C GLU B 175 -14.65 -1.28 3.63
N ALA B 176 -13.70 -1.33 4.56
CA ALA B 176 -12.30 -1.48 4.20
C ALA B 176 -12.06 -2.84 3.54
N ALA B 177 -12.76 -3.89 3.99
CA ALA B 177 -12.67 -5.19 3.32
C ALA B 177 -13.19 -5.11 1.86
N ARG B 178 -14.33 -4.47 1.69
CA ARG B 178 -14.95 -4.37 0.37
C ARG B 178 -14.10 -3.52 -0.57
N PHE B 179 -13.47 -2.49 -0.01
CA PHE B 179 -12.75 -1.51 -0.83
C PHE B 179 -11.30 -1.33 -0.41
N LYS B 180 -10.39 -1.83 -1.24
CA LYS B 180 -8.98 -1.55 -1.04
C LYS B 180 -8.73 -0.04 -0.90
N TYR B 181 -9.55 0.78 -1.58
CA TYR B 181 -9.37 2.24 -1.48
C TYR B 181 -9.50 2.69 -0.02
N ILE B 182 -10.52 2.15 0.65
CA ILE B 182 -10.79 2.52 2.05
C ILE B 182 -9.71 1.99 2.98
N GLU B 183 -9.32 0.73 2.78
CA GLU B 183 -8.17 0.22 3.51
C GLU B 183 -6.97 1.12 3.35
N ASN B 184 -6.70 1.55 2.10
CA ASN B 184 -5.53 2.36 1.82
C ASN B 184 -5.66 3.75 2.43
N GLN B 185 -6.89 4.25 2.53
CA GLN B 185 -7.11 5.51 3.26
C GLN B 185 -6.73 5.39 4.73
N VAL B 186 -7.09 4.27 5.34
CA VAL B 186 -6.68 4.02 6.73
C VAL B 186 -5.15 3.99 6.81
N LYS B 187 -4.53 3.26 5.89
CA LYS B 187 -3.09 3.07 5.99
C LYS B 187 -2.30 4.36 5.76
N THR B 188 -2.74 5.16 4.78
CA THR B 188 -2.06 6.42 4.51
C THR B 188 -2.25 7.42 5.64
N ASN B 189 -3.26 7.19 6.49
CA ASN B 189 -3.52 7.99 7.67
C ASN B 189 -3.30 7.18 8.94
N PHE B 190 -2.39 6.21 8.91
CA PHE B 190 -2.36 5.22 9.98
C PHE B 190 -2.20 5.80 11.39
N ASN B 191 -1.46 6.90 11.48
CA ASN B 191 -1.19 7.52 12.79
C ASN B 191 -1.94 8.79 13.10
N ARG B 192 -3.04 9.02 12.40
CA ARG B 192 -3.84 10.22 12.66
C ARG B 192 -5.33 9.93 12.52
N ASP B 193 -6.15 10.76 13.17
CA ASP B 193 -7.57 10.79 12.92
C ASP B 193 -7.75 11.37 11.54
N PHE B 194 -8.76 10.92 10.82
CA PHE B 194 -9.06 11.52 9.51
C PHE B 194 -10.55 11.53 9.21
N SER B 195 -10.99 12.56 8.51
CA SER B 195 -12.37 12.64 8.06
C SER B 195 -12.50 11.92 6.74
N PRO B 196 -13.46 10.98 6.64
CA PRO B 196 -13.54 10.22 5.40
C PRO B 196 -13.99 11.08 4.25
N ASN B 197 -13.26 11.00 3.15
CA ASN B 197 -13.56 11.84 2.00
C ASN B 197 -14.78 11.39 1.22
N ASP B 198 -15.17 12.20 0.24
CA ASP B 198 -16.37 11.93 -0.53
C ASP B 198 -16.30 10.65 -1.32
N LYS B 199 -15.08 10.24 -1.70
CA LYS B 199 -14.92 8.98 -2.44
C LYS B 199 -15.20 7.78 -1.54
N ILE B 200 -14.69 7.82 -0.31
CA ILE B 200 -15.05 6.78 0.67
C ILE B 200 -16.56 6.61 0.75
N LEU B 201 -17.27 7.71 1.00
CA LEU B 201 -18.71 7.59 1.22
C LEU B 201 -19.42 7.12 -0.04
N ASP B 202 -18.96 7.62 -1.19
CA ASP B 202 -19.61 7.31 -2.43
C ASP B 202 -19.41 5.83 -2.80
N LEU B 203 -18.20 5.30 -2.58
CA LEU B 203 -17.94 3.89 -2.82
C LEU B 203 -18.82 3.03 -1.93
N GLU B 204 -18.90 3.38 -0.65
CA GLU B 204 -19.75 2.65 0.28
C GLU B 204 -21.19 2.58 -0.22
N GLU B 205 -21.68 3.71 -0.72
CA GLU B 205 -23.08 3.83 -1.15
C GLU B 205 -23.34 3.11 -2.47
N ASN B 206 -22.29 2.92 -3.29
CA ASN B 206 -22.43 2.32 -4.63
C ASN B 206 -21.83 0.94 -4.86
N TRP B 207 -21.53 0.25 -3.77
CA TRP B 207 -20.89 -1.05 -3.89
C TRP B 207 -21.67 -2.03 -4.77
N GLY B 208 -22.99 -2.11 -4.56
CA GLY B 208 -23.84 -2.98 -5.37
C GLY B 208 -23.76 -2.62 -6.85
N LYS B 209 -23.93 -1.33 -7.15
CA LYS B 209 -23.89 -0.84 -8.53
C LYS B 209 -22.53 -1.11 -9.18
N ILE B 210 -21.44 -0.86 -8.44
CA ILE B 210 -20.10 -1.15 -8.95
C ILE B 210 -19.89 -2.65 -9.22
N SER B 211 -20.37 -3.48 -8.28
CA SER B 211 -20.22 -4.93 -8.40
C SER B 211 -20.95 -5.44 -9.64
N THR B 212 -22.17 -4.98 -9.84
CA THR B 212 -22.95 -5.32 -11.04
C THR B 212 -22.21 -4.91 -12.32
N ALA B 213 -21.75 -3.66 -12.36
CA ALA B 213 -21.08 -3.13 -13.55
C ALA B 213 -19.82 -3.90 -13.92
N ILE B 214 -19.05 -4.27 -12.91
CA ILE B 214 -17.83 -5.02 -13.13
C ILE B 214 -18.21 -6.45 -13.58
N HIS B 215 -19.20 -7.03 -12.91
CA HIS B 215 -19.64 -8.37 -13.28
C HIS B 215 -20.14 -8.40 -14.72
N ASP B 216 -20.86 -7.35 -15.10
CA ASP B 216 -21.56 -7.30 -16.41
C ASP B 216 -20.70 -6.69 -17.50
N ALA B 217 -19.47 -6.28 -17.18
CA ALA B 217 -18.53 -5.69 -18.14
C ALA B 217 -18.02 -6.72 -19.13
N THR B 218 -18.02 -6.34 -20.40
CA THR B 218 -17.48 -7.19 -21.45
C THR B 218 -16.16 -6.61 -21.92
N ASN B 219 -15.13 -7.45 -21.91
CA ASN B 219 -13.77 -7.05 -22.25
C ASN B 219 -13.31 -5.78 -21.53
N GLY B 220 -13.66 -5.73 -20.25
CA GLY B 220 -13.20 -4.67 -19.37
C GLY B 220 -13.91 -3.35 -19.57
N ALA B 221 -14.95 -3.34 -20.40
CA ALA B 221 -15.74 -2.12 -20.64
C ALA B 221 -17.07 -2.22 -19.92
N LEU B 222 -17.32 -1.28 -19.00
CA LEU B 222 -18.59 -1.26 -18.29
C LEU B 222 -19.72 -1.10 -19.32
N PRO B 223 -20.87 -1.77 -19.09
CA PRO B 223 -21.98 -1.72 -20.06
C PRO B 223 -22.42 -0.29 -20.32
N LYS B 224 -22.31 0.56 -19.30
CA LYS B 224 -22.62 1.99 -19.39
C LYS B 224 -21.75 2.68 -18.35
N PRO B 225 -21.52 4.00 -18.49
CA PRO B 225 -20.66 4.67 -17.51
C PRO B 225 -21.22 4.61 -16.09
N LEU B 226 -20.30 4.56 -15.13
CA LEU B 226 -20.65 4.47 -13.73
C LEU B 226 -20.30 5.82 -13.11
N GLU B 227 -21.31 6.49 -12.53
CA GLU B 227 -21.14 7.82 -11.97
C GLU B 227 -20.77 7.71 -10.50
N LEU B 228 -19.49 7.95 -10.22
CA LEU B 228 -18.96 7.92 -8.85
C LEU B 228 -18.40 9.29 -8.48
N LYS B 229 -17.63 9.33 -7.40
CA LYS B 229 -17.02 10.58 -6.96
C LYS B 229 -15.53 10.40 -6.73
N ASN B 230 -14.77 11.43 -7.09
CA ASN B 230 -13.36 11.54 -6.73
C ASN B 230 -13.18 11.90 -5.26
N ALA B 231 -11.95 11.74 -4.76
CA ALA B 231 -11.64 12.12 -3.39
C ALA B 231 -12.05 13.52 -3.01
N ASP B 232 -11.93 14.44 -3.97
CA ASP B 232 -12.23 15.84 -3.73
C ASP B 232 -13.70 16.16 -3.92
N GLY B 233 -14.51 15.13 -4.17
CA GLY B 233 -15.95 15.29 -4.26
C GLY B 233 -16.49 15.50 -5.66
N THR B 234 -15.59 15.73 -6.61
CA THR B 234 -15.98 15.94 -8.02
C THR B 234 -16.49 14.65 -8.68
N LYS B 235 -17.23 14.78 -9.76
CA LYS B 235 -17.76 13.63 -10.47
C LYS B 235 -16.66 12.80 -11.09
N TRP B 236 -16.74 11.48 -10.89
CA TRP B 236 -15.83 10.54 -11.47
C TRP B 236 -16.61 9.59 -12.37
N ILE B 237 -16.46 9.76 -13.68
CA ILE B 237 -17.10 8.91 -14.67
C ILE B 237 -16.23 7.72 -15.00
N VAL B 238 -16.67 6.54 -14.57
CA VAL B 238 -15.90 5.33 -14.80
C VAL B 238 -16.43 4.60 -16.03
N LEU B 239 -15.52 4.31 -16.97
CA LEU B 239 -15.83 3.63 -18.23
C LEU B 239 -15.32 2.20 -18.31
N ARG B 240 -14.21 1.94 -17.60
CA ARG B 240 -13.44 0.70 -17.75
C ARG B 240 -13.17 0.04 -16.38
N VAL B 241 -13.15 -1.29 -16.34
CA VAL B 241 -12.85 -2.01 -15.08
C VAL B 241 -11.49 -1.59 -14.54
N ASP B 242 -10.52 -1.39 -15.42
CA ASP B 242 -9.16 -1.04 -14.97
C ASP B 242 -9.07 0.29 -14.20
N GLU B 243 -10.07 1.14 -14.40
CA GLU B 243 -10.12 2.41 -13.71
C GLU B 243 -10.54 2.27 -12.26
N ILE B 244 -11.31 1.23 -11.95
CA ILE B 244 -11.86 1.07 -10.60
C ILE B 244 -11.29 -0.14 -9.88
N LYS B 245 -10.80 -1.13 -10.62
CA LYS B 245 -10.26 -2.35 -9.99
C LYS B 245 -9.29 -2.08 -8.81
N PRO B 246 -8.36 -1.10 -8.96
CA PRO B 246 -7.42 -0.94 -7.82
C PRO B 246 -8.10 -0.60 -6.50
N ASP B 247 -9.30 -0.03 -6.56
CA ASP B 247 -10.04 0.37 -5.36
C ASP B 247 -10.84 -0.76 -4.74
N MET B 248 -10.95 -1.88 -5.45
CA MET B 248 -11.86 -2.94 -5.04
C MET B 248 -11.17 -4.03 -4.27
N GLY B 249 -11.80 -4.41 -3.16
CA GLY B 249 -11.38 -5.58 -2.40
C GLY B 249 -12.26 -6.79 -2.62
N LEU B 250 -13.59 -6.57 -2.67
CA LEU B 250 -14.54 -7.67 -2.81
C LEU B 250 -15.71 -7.16 -3.61
N LEU B 251 -16.26 -8.06 -4.44
CA LEU B 251 -17.50 -7.79 -5.16
C LEU B 251 -18.68 -8.39 -4.43
N ASN B 252 -19.78 -7.67 -4.37
CA ASN B 252 -21.07 -8.20 -3.95
C ASN B 252 -21.43 -9.36 -4.86
N TYR B 253 -22.15 -10.35 -4.33
CA TYR B 253 -22.58 -11.45 -5.15
C TYR B 253 -23.45 -10.98 -6.31
N VAL B 254 -23.08 -11.36 -7.52
CA VAL B 254 -23.91 -11.09 -8.70
C VAL B 254 -23.99 -12.40 -9.46
N ASN B 255 -25.21 -12.87 -9.71
CA ASN B 255 -25.41 -14.19 -10.33
C ASN B 255 -25.06 -14.16 -11.81
N GLY B 256 -24.68 -15.31 -12.33
CA GLY B 256 -24.33 -15.44 -13.73
C GLY B 256 -22.83 -15.39 -13.85
N THR B 257 -22.35 -15.85 -15.00
CA THR B 257 -20.93 -15.89 -15.31
C THR B 257 -20.39 -14.50 -15.59
N CYS B 258 -19.07 -14.34 -15.41
CA CYS B 258 -18.38 -13.10 -15.74
C CYS B 258 -16.96 -13.41 -16.20
N GLN B 259 -16.29 -12.42 -16.78
CA GLN B 259 -14.90 -12.56 -17.18
C GLN B 259 -14.03 -12.51 -15.94
N THR B 260 -13.15 -13.50 -15.78
CA THR B 260 -12.61 -13.82 -14.45
C THR B 260 -11.24 -13.25 -14.12
N THR B 261 -10.44 -12.96 -15.14
CA THR B 261 -9.13 -12.35 -14.89
C THR B 261 -9.00 -11.05 -15.69
#